data_4PN8
#
_entry.id   4PN8
#
_cell.length_a   57.500
_cell.length_b   55.580
_cell.length_c   61.400
_cell.angle_alpha   90.00
_cell.angle_beta   106.74
_cell.angle_gamma   90.00
#
_symmetry.space_group_name_H-M   'P 1 21 1'
#
loop_
_entity.id
_entity.type
_entity.pdbx_description
1 polymer CC-Pent
2 water water
#
_entity_poly.entity_id   1
_entity_poly.type   'polypeptide(L)'
_entity_poly.pdbx_seq_one_letter_code
;(ACE)GKIEQILQKIEKILQKIEWILQKIEQILQG
;
_entity_poly.pdbx_strand_id   A,B,C,D,E,F,G,H,I,J
#
# COMPACT_ATOMS: atom_id res chain seq x y z
N GLY A 2 2.86 -29.45 14.81
CA GLY A 2 3.97 -29.10 15.68
C GLY A 2 4.64 -27.82 15.22
N LYS A 3 4.98 -27.77 13.94
CA LYS A 3 5.57 -26.60 13.33
C LYS A 3 4.62 -25.40 13.40
N ILE A 4 3.33 -25.66 13.21
CA ILE A 4 2.32 -24.60 13.30
C ILE A 4 2.33 -23.95 14.68
N GLU A 5 2.36 -24.77 15.73
CA GLU A 5 2.45 -24.24 17.09
C GLU A 5 3.69 -23.39 17.26
N GLN A 6 4.82 -23.86 16.74
CA GLN A 6 6.08 -23.12 16.87
C GLN A 6 5.99 -21.78 16.16
N ILE A 7 5.44 -21.77 14.95
CA ILE A 7 5.31 -20.52 14.21
C ILE A 7 4.36 -19.53 14.93
N LEU A 8 3.25 -20.04 15.46
CA LEU A 8 2.32 -19.17 16.18
C LEU A 8 2.96 -18.59 17.44
N GLN A 9 3.80 -19.36 18.13
CA GLN A 9 4.47 -18.85 19.32
C GLN A 9 5.49 -17.75 18.99
N LYS A 10 6.13 -17.85 17.82
CA LYS A 10 7.01 -16.79 17.34
C LYS A 10 6.22 -15.52 17.00
N ILE A 11 5.07 -15.69 16.36
CA ILE A 11 4.18 -14.57 16.05
C ILE A 11 3.73 -13.88 17.34
N GLU A 12 3.32 -14.68 18.33
CA GLU A 12 2.90 -14.13 19.61
C GLU A 12 4.02 -13.31 20.25
N LYS A 13 5.25 -13.81 20.15
CA LYS A 13 6.41 -13.12 20.70
C LYS A 13 6.68 -11.78 20.02
N ILE A 14 6.58 -11.74 18.68
CA ILE A 14 6.82 -10.48 17.95
C ILE A 14 5.74 -9.47 18.30
N LEU A 15 4.49 -9.94 18.40
CA LEU A 15 3.37 -9.09 18.80
C LEU A 15 3.59 -8.49 20.18
N GLN A 16 4.10 -9.29 21.11
CA GLN A 16 4.51 -8.81 22.43
C GLN A 16 5.55 -7.70 22.30
N LYS A 17 6.58 -7.93 21.48
CA LYS A 17 7.57 -6.87 21.21
C LYS A 17 6.95 -5.61 20.62
N ILE A 18 6.07 -5.79 19.62
CA ILE A 18 5.34 -4.67 19.02
C ILE A 18 4.53 -3.88 20.05
N GLU A 19 3.86 -4.58 20.95
CA GLU A 19 3.05 -3.90 21.97
C GLU A 19 3.89 -3.03 22.89
N TRP A 20 5.06 -3.52 23.28
CA TRP A 20 5.99 -2.76 24.12
C TRP A 20 6.47 -1.50 23.43
N ILE A 21 6.85 -1.63 22.16
CA ILE A 21 7.28 -0.46 21.42
C ILE A 21 6.15 0.56 21.36
N LEU A 22 4.92 0.09 21.11
CA LEU A 22 3.77 0.97 20.99
C LEU A 22 3.49 1.67 22.30
N GLN A 23 3.67 0.95 23.41
CA GLN A 23 3.54 1.56 24.73
C GLN A 23 4.54 2.68 24.92
N LYS A 24 5.78 2.50 24.47
CA LYS A 24 6.78 3.55 24.60
C LYS A 24 6.42 4.76 23.72
N ILE A 25 6.01 4.49 22.49
CA ILE A 25 5.62 5.53 21.56
C ILE A 25 4.48 6.36 22.12
N GLU A 26 3.49 5.68 22.69
CA GLU A 26 2.35 6.38 23.25
C GLU A 26 2.80 7.28 24.40
N GLN A 27 3.72 6.78 25.22
CA GLN A 27 4.24 7.60 26.32
C GLN A 27 5.03 8.80 25.83
N ILE A 28 5.83 8.60 24.78
CA ILE A 28 6.57 9.70 24.17
C ILE A 28 5.61 10.79 23.68
N LEU A 29 4.49 10.38 23.07
CA LEU A 29 3.53 11.32 22.49
C LEU A 29 2.70 12.03 23.56
N GLN A 30 2.36 11.33 24.62
CA GLN A 30 1.46 11.89 25.61
C GLN A 30 2.16 12.88 26.56
N GLY A 31 3.48 12.76 26.68
CA GLY A 31 4.23 13.54 27.64
C GLY A 31 4.58 14.92 27.12
N GLY B 2 0.33 -27.97 4.92
CA GLY B 2 1.48 -27.32 4.32
C GLY B 2 1.22 -25.88 3.93
N LYS B 3 0.07 -25.61 3.32
CA LYS B 3 -0.23 -24.24 2.92
C LYS B 3 -0.40 -23.32 4.15
N ILE B 4 -1.02 -23.86 5.19
CA ILE B 4 -1.21 -23.12 6.44
C ILE B 4 0.13 -22.69 7.04
N GLU B 5 1.09 -23.62 7.11
CA GLU B 5 2.42 -23.29 7.59
C GLU B 5 3.06 -22.18 6.76
N GLN B 6 2.85 -22.23 5.45
CA GLN B 6 3.46 -21.27 4.54
C GLN B 6 2.90 -19.87 4.77
N ILE B 7 1.58 -19.76 4.92
CA ILE B 7 0.98 -18.46 5.16
C ILE B 7 1.40 -17.91 6.53
N LEU B 8 1.47 -18.78 7.53
CA LEU B 8 1.91 -18.35 8.87
C LEU B 8 3.35 -17.81 8.85
N GLN B 9 4.23 -18.47 8.09
CA GLN B 9 5.61 -18.00 7.98
C GLN B 9 5.69 -16.67 7.25
N LYS B 10 4.80 -16.45 6.29
CA LYS B 10 4.72 -15.14 5.64
C LYS B 10 4.21 -14.09 6.62
N ILE B 11 3.25 -14.49 7.45
CA ILE B 11 2.71 -13.58 8.44
C ILE B 11 3.80 -13.21 9.44
N GLU B 12 4.58 -14.22 9.86
CA GLU B 12 5.68 -13.98 10.79
C GLU B 12 6.67 -12.97 10.22
N LYS B 13 7.02 -13.12 8.95
CA LYS B 13 8.00 -12.24 8.33
C LYS B 13 7.47 -10.82 8.19
N ILE B 14 6.20 -10.67 7.88
CA ILE B 14 5.64 -9.32 7.80
C ILE B 14 5.66 -8.64 9.17
N LEU B 15 5.29 -9.39 10.21
CA LEU B 15 5.33 -8.83 11.57
C LEU B 15 6.76 -8.44 11.99
N GLN B 16 7.76 -9.23 11.59
CA GLN B 16 9.16 -8.85 11.87
C GLN B 16 9.51 -7.49 11.25
N LYS B 17 9.04 -7.27 10.03
CA LYS B 17 9.30 -6.02 9.32
C LYS B 17 8.54 -4.85 9.94
N ILE B 18 7.32 -5.14 10.40
CA ILE B 18 6.53 -4.14 11.11
C ILE B 18 7.23 -3.75 12.41
N GLU B 19 7.69 -4.74 13.16
CA GLU B 19 8.37 -4.45 14.41
C GLU B 19 9.59 -3.53 14.15
N TRP B 20 10.36 -3.84 13.12
CA TRP B 20 11.53 -3.03 12.79
C TRP B 20 11.16 -1.58 12.43
N ILE B 21 10.18 -1.39 11.56
CA ILE B 21 9.71 -0.03 11.24
C ILE B 21 9.32 0.70 12.53
N LEU B 22 8.65 0.00 13.45
CA LEU B 22 8.19 0.64 14.68
C LEU B 22 9.35 1.05 15.61
N GLN B 23 10.41 0.26 15.62
CA GLN B 23 11.61 0.60 16.38
C GLN B 23 12.21 1.90 15.86
N LYS B 24 12.28 2.03 14.54
CA LYS B 24 12.83 3.24 13.95
C LYS B 24 11.92 4.45 14.25
N ILE B 25 10.62 4.26 14.14
CA ILE B 25 9.68 5.32 14.51
C ILE B 25 9.86 5.73 15.97
N GLU B 26 9.96 4.74 16.87
CA GLU B 26 10.21 5.04 18.27
C GLU B 26 11.46 5.90 18.43
N GLN B 27 12.51 5.59 17.69
CA GLN B 27 13.75 6.35 17.76
C GLN B 27 13.61 7.76 17.19
N ILE B 28 12.88 7.90 16.07
CA ILE B 28 12.67 9.21 15.44
C ILE B 28 11.90 10.12 16.39
N LEU B 29 10.93 9.55 17.09
CA LEU B 29 10.05 10.33 17.96
C LEU B 29 10.81 10.96 19.14
N GLN B 30 11.87 10.30 19.62
CA GLN B 30 12.79 10.90 20.60
C GLN B 30 13.96 11.58 19.91
N GLY B 31 13.68 12.36 18.88
CA GLY B 31 14.73 12.99 18.10
C GLY B 31 15.21 12.10 16.96
N GLY C 2 -9.70 -25.51 4.73
CA GLY C 2 -9.93 -24.61 3.60
C GLY C 2 -10.33 -23.22 4.07
N LYS C 3 -11.25 -23.16 5.03
CA LYS C 3 -11.66 -21.87 5.60
C LYS C 3 -10.52 -21.23 6.41
N ILE C 4 -9.79 -22.05 7.17
CA ILE C 4 -8.66 -21.54 7.95
C ILE C 4 -7.64 -20.83 7.02
N GLU C 5 -7.30 -21.49 5.92
CA GLU C 5 -6.40 -20.90 4.92
C GLU C 5 -6.90 -19.57 4.38
N GLN C 6 -8.21 -19.47 4.13
CA GLN C 6 -8.76 -18.24 3.54
C GLN C 6 -8.68 -17.09 4.54
N ILE C 7 -8.97 -17.38 5.80
CA ILE C 7 -8.90 -16.35 6.81
C ILE C 7 -7.46 -15.90 7.02
N LEU C 8 -6.55 -16.87 7.10
CA LEU C 8 -5.13 -16.57 7.22
C LEU C 8 -4.65 -15.68 6.06
N GLN C 9 -5.12 -15.95 4.85
CA GLN C 9 -4.70 -15.14 3.69
C GLN C 9 -5.24 -13.73 3.79
N LYS C 10 -6.45 -13.58 4.30
CA LYS C 10 -6.98 -12.26 4.56
C LYS C 10 -6.16 -11.55 5.62
N ILE C 11 -5.74 -12.30 6.63
CA ILE C 11 -4.92 -11.75 7.69
C ILE C 11 -3.57 -11.30 7.11
N GLU C 12 -2.99 -12.13 6.24
CA GLU C 12 -1.72 -11.78 5.60
C GLU C 12 -1.84 -10.48 4.80
N LYS C 13 -2.93 -10.33 4.06
CA LYS C 13 -3.14 -9.13 3.25
C LYS C 13 -3.34 -7.87 4.08
N ILE C 14 -4.05 -7.98 5.21
CA ILE C 14 -4.18 -6.85 6.10
C ILE C 14 -2.83 -6.42 6.65
N LEU C 15 -1.99 -7.37 7.06
CA LEU C 15 -0.66 -7.02 7.57
C LEU C 15 0.25 -6.39 6.50
N GLN C 16 0.14 -6.84 5.25
CA GLN C 16 0.90 -6.23 4.16
C GLN C 16 0.54 -4.76 4.04
N LYS C 17 -0.74 -4.46 4.22
CA LYS C 17 -1.23 -3.10 4.11
C LYS C 17 -0.78 -2.29 5.32
N ILE C 18 -0.83 -2.90 6.50
CA ILE C 18 -0.29 -2.26 7.70
C ILE C 18 1.19 -1.94 7.53
N GLU C 19 1.97 -2.90 7.04
CA GLU C 19 3.39 -2.65 6.81
C GLU C 19 3.57 -1.47 5.85
N TRP C 20 2.78 -1.47 4.78
CA TRP C 20 2.90 -0.44 3.76
C TRP C 20 2.56 0.97 4.26
N ILE C 21 1.48 1.11 5.05
CA ILE C 21 1.14 2.39 5.64
C ILE C 21 2.21 2.84 6.63
N LEU C 22 2.71 1.89 7.40
CA LEU C 22 3.81 2.17 8.32
C LEU C 22 5.07 2.69 7.60
N GLN C 23 5.40 2.09 6.46
CA GLN C 23 6.53 2.58 5.65
C GLN C 23 6.31 4.05 5.28
N LYS C 24 5.07 4.39 4.90
CA LYS C 24 4.73 5.77 4.57
C LYS C 24 4.80 6.69 5.79
N ILE C 25 4.33 6.21 6.94
CA ILE C 25 4.42 6.99 8.18
C ILE C 25 5.89 7.24 8.53
N GLU C 26 6.72 6.22 8.37
CA GLU C 26 8.14 6.34 8.67
C GLU C 26 8.79 7.42 7.77
N GLN C 27 8.40 7.45 6.49
CA GLN C 27 8.97 8.45 5.57
C GLN C 27 8.55 9.87 5.91
N ILE C 28 7.30 10.03 6.31
CA ILE C 28 6.76 11.32 6.74
C ILE C 28 7.55 11.87 7.92
N LEU C 29 7.71 11.06 8.97
CA LEU C 29 8.42 11.48 10.18
C LEU C 29 9.90 11.70 9.93
N GLN C 30 10.47 10.94 9.00
CA GLN C 30 11.90 10.97 8.73
C GLN C 30 12.35 12.23 7.99
N GLY C 31 11.43 12.85 7.26
CA GLY C 31 11.72 14.06 6.52
C GLY C 31 10.46 14.85 6.25
N GLY D 2 -13.27 -25.67 14.19
CA GLY D 2 -14.27 -24.62 14.15
C GLY D 2 -13.92 -23.47 15.09
N LYS D 3 -13.44 -23.82 16.28
CA LYS D 3 -13.05 -22.82 17.26
C LYS D 3 -11.81 -22.04 16.78
N ILE D 4 -10.89 -22.72 16.08
CA ILE D 4 -9.74 -22.05 15.47
C ILE D 4 -10.23 -21.02 14.44
N GLU D 5 -11.21 -21.40 13.61
CA GLU D 5 -11.75 -20.45 12.61
C GLU D 5 -12.35 -19.22 13.27
N GLN D 6 -13.04 -19.42 14.38
CA GLN D 6 -13.68 -18.32 15.08
C GLN D 6 -12.67 -17.36 15.70
N ILE D 7 -11.63 -17.90 16.36
CA ILE D 7 -10.57 -17.04 16.90
C ILE D 7 -9.85 -16.31 15.77
N LEU D 8 -9.66 -16.99 14.64
CA LEU D 8 -8.96 -16.35 13.52
C LEU D 8 -9.79 -15.24 12.93
N GLN D 9 -11.11 -15.45 12.86
CA GLN D 9 -12.01 -14.39 12.40
C GLN D 9 -12.01 -13.18 13.32
N LYS D 10 -11.93 -13.40 14.63
CA LYS D 10 -11.81 -12.27 15.55
C LYS D 10 -10.47 -11.52 15.40
N ILE D 11 -9.39 -12.28 15.22
CA ILE D 11 -8.08 -11.68 14.95
C ILE D 11 -8.10 -10.83 13.67
N GLU D 12 -8.73 -11.34 12.62
CA GLU D 12 -8.87 -10.63 11.36
C GLU D 12 -9.56 -9.27 11.54
N LYS D 13 -10.61 -9.23 12.35
CA LYS D 13 -11.37 -8.01 12.53
C LYS D 13 -10.60 -6.99 13.36
N ILE D 14 -9.84 -7.47 14.33
CA ILE D 14 -9.02 -6.56 15.14
C ILE D 14 -7.94 -5.94 14.26
N LEU D 15 -7.31 -6.77 13.42
CA LEU D 15 -6.30 -6.27 12.48
C LEU D 15 -6.89 -5.28 11.51
N GLN D 16 -8.12 -5.50 11.07
CA GLN D 16 -8.70 -4.53 10.14
C GLN D 16 -8.93 -3.19 10.86
N LYS D 17 -9.36 -3.27 12.12
CA LYS D 17 -9.53 -2.07 12.94
C LYS D 17 -8.22 -1.33 13.14
N ILE D 18 -7.15 -2.09 13.38
CA ILE D 18 -5.82 -1.50 13.49
C ILE D 18 -5.42 -0.80 12.19
N GLU D 19 -5.66 -1.44 11.04
CA GLU D 19 -5.27 -0.86 9.76
C GLU D 19 -6.02 0.46 9.52
N TRP D 20 -7.28 0.50 9.93
CA TRP D 20 -8.08 1.71 9.80
C TRP D 20 -7.56 2.86 10.63
N ILE D 21 -7.18 2.57 11.87
CA ILE D 21 -6.59 3.59 12.73
C ILE D 21 -5.28 4.13 12.12
N LEU D 22 -4.40 3.24 11.65
CA LEU D 22 -3.17 3.66 11.01
C LEU D 22 -3.44 4.57 9.82
N GLN D 23 -4.47 4.24 9.03
CA GLN D 23 -4.86 5.06 7.88
C GLN D 23 -5.19 6.46 8.33
N LYS D 24 -5.90 6.57 9.46
CA LYS D 24 -6.27 7.86 10.05
C LYS D 24 -5.04 8.61 10.54
N ILE D 25 -4.13 7.91 11.20
CA ILE D 25 -2.88 8.50 11.65
C ILE D 25 -2.08 9.06 10.46
N GLU D 26 -1.95 8.26 9.39
CA GLU D 26 -1.25 8.70 8.19
C GLU D 26 -1.88 9.96 7.56
N GLN D 27 -3.20 10.08 7.63
CA GLN D 27 -3.86 11.31 7.15
C GLN D 27 -3.55 12.50 8.05
N ILE D 28 -3.67 12.31 9.37
CA ILE D 28 -3.31 13.36 10.32
C ILE D 28 -1.87 13.85 10.13
N LEU D 29 -0.95 12.91 9.92
CA LEU D 29 0.46 13.26 9.75
C LEU D 29 0.70 14.02 8.43
N GLN D 30 -0.09 13.73 7.41
CA GLN D 30 0.03 14.40 6.11
C GLN D 30 -0.40 15.86 6.19
N GLY D 31 -1.37 16.15 7.06
CA GLY D 31 -1.88 17.50 7.21
C GLY D 31 -1.32 18.22 8.42
N GLY E 2 -5.72 -28.02 20.59
CA GLY E 2 -5.93 -27.41 21.90
C GLY E 2 -4.91 -26.32 22.19
N LYS E 3 -3.64 -26.64 22.05
CA LYS E 3 -2.59 -25.64 22.28
C LYS E 3 -2.66 -24.54 21.21
N ILE E 4 -3.02 -24.89 19.97
CA ILE E 4 -3.15 -23.90 18.90
C ILE E 4 -4.23 -22.87 19.25
N GLU E 5 -5.36 -23.34 19.80
CA GLU E 5 -6.42 -22.44 20.23
C GLU E 5 -5.91 -21.49 21.32
N GLN E 6 -5.15 -22.02 22.26
CA GLN E 6 -4.66 -21.21 23.36
C GLN E 6 -3.68 -20.14 22.88
N ILE E 7 -2.78 -20.50 21.98
CA ILE E 7 -1.85 -19.52 21.46
C ILE E 7 -2.61 -18.45 20.67
N LEU E 8 -3.60 -18.87 19.88
CA LEU E 8 -4.38 -17.93 19.10
C LEU E 8 -5.11 -16.97 20.01
N GLN E 9 -5.64 -17.49 21.10
CA GLN E 9 -6.33 -16.64 22.08
C GLN E 9 -5.43 -15.60 22.74
N LYS E 10 -4.16 -15.93 22.97
CA LYS E 10 -3.21 -14.96 23.50
C LYS E 10 -2.90 -13.87 22.46
N ILE E 11 -2.77 -14.30 21.21
CA ILE E 11 -2.52 -13.39 20.08
C ILE E 11 -3.69 -12.43 19.94
N GLU E 12 -4.90 -12.94 20.04
CA GLU E 12 -6.08 -12.10 20.01
C GLU E 12 -6.01 -11.03 21.11
N LYS E 13 -5.64 -11.43 22.33
CA LYS E 13 -5.57 -10.48 23.44
C LYS E 13 -4.50 -9.41 23.22
N ILE E 14 -3.34 -9.80 22.73
CA ILE E 14 -2.29 -8.84 22.47
C ILE E 14 -2.74 -7.86 21.38
N LEU E 15 -3.43 -8.36 20.36
CA LEU E 15 -3.90 -7.49 19.29
C LEU E 15 -4.93 -6.51 19.83
N GLN E 16 -5.80 -6.95 20.74
CA GLN E 16 -6.75 -6.04 21.35
CA GLN E 16 -6.75 -6.01 21.33
C GLN E 16 -6.02 -4.92 22.10
N LYS E 17 -4.94 -5.28 22.81
CA LYS E 17 -4.18 -4.26 23.53
C LYS E 17 -3.55 -3.25 22.55
N ILE E 18 -3.01 -3.77 21.44
CA ILE E 18 -2.39 -2.93 20.42
C ILE E 18 -3.39 -1.97 19.81
N GLU E 19 -4.58 -2.47 19.48
CA GLU E 19 -5.60 -1.61 18.90
C GLU E 19 -6.00 -0.50 19.86
N TRP E 20 -6.06 -0.83 21.15
CA TRP E 20 -6.41 0.15 22.18
CA TRP E 20 -6.43 0.17 22.13
C TRP E 20 -5.38 1.26 22.30
N ILE E 21 -4.10 0.90 22.31
CA ILE E 21 -3.05 1.89 22.42
C ILE E 21 -3.07 2.78 21.18
N LEU E 22 -3.30 2.17 20.02
CA LEU E 22 -3.37 2.93 18.77
C LEU E 22 -4.51 3.94 18.76
N GLN E 23 -5.69 3.51 19.23
CA GLN E 23 -6.82 4.43 19.39
C GLN E 23 -6.41 5.65 20.21
N LYS E 24 -5.65 5.41 21.28
CA LYS E 24 -5.23 6.54 22.09
C LYS E 24 -4.21 7.42 21.39
N ILE E 25 -3.31 6.80 20.60
CA ILE E 25 -2.32 7.58 19.86
C ILE E 25 -3.02 8.49 18.85
N GLU E 26 -3.99 7.92 18.15
CA GLU E 26 -4.76 8.69 17.16
C GLU E 26 -5.45 9.86 17.86
N GLN E 27 -5.99 9.63 19.05
CA GLN E 27 -6.68 10.68 19.79
C GLN E 27 -5.71 11.82 20.10
N ILE E 28 -4.50 11.46 20.54
CA ILE E 28 -3.46 12.44 20.84
C ILE E 28 -3.09 13.25 19.60
N LEU E 29 -2.88 12.57 18.48
CA LEU E 29 -2.47 13.23 17.25
C LEU E 29 -3.58 14.10 16.66
N GLN E 30 -4.83 13.69 16.87
CA GLN E 30 -5.96 14.42 16.30
C GLN E 30 -6.18 15.77 16.98
N GLY E 31 -5.80 15.85 18.26
CA GLY E 31 -6.05 17.05 19.05
C GLY E 31 -4.81 17.89 19.27
N GLY F 2 10.48 25.24 -6.10
CA GLY F 2 11.45 24.35 -5.48
C GLY F 2 10.76 23.11 -4.94
N LYS F 3 9.70 23.30 -4.16
CA LYS F 3 8.94 22.17 -3.66
C LYS F 3 8.23 21.47 -4.83
N ILE F 4 7.82 22.26 -5.82
CA ILE F 4 7.15 21.70 -6.99
C ILE F 4 8.10 20.78 -7.77
N GLU F 5 9.34 21.23 -7.99
CA GLU F 5 10.33 20.42 -8.69
C GLU F 5 10.59 19.13 -7.95
N GLN F 6 10.67 19.20 -6.62
CA GLN F 6 10.93 18.02 -5.80
C GLN F 6 9.82 17.00 -5.89
N ILE F 7 8.58 17.46 -5.85
CA ILE F 7 7.45 16.54 -5.93
C ILE F 7 7.40 15.90 -7.32
N LEU F 8 7.60 16.72 -8.35
CA LEU F 8 7.60 16.24 -9.72
C LEU F 8 8.70 15.20 -9.92
N GLN F 9 9.84 15.40 -9.27
CA GLN F 9 10.93 14.42 -9.36
C GLN F 9 10.56 13.11 -8.67
N LYS F 10 9.82 13.19 -7.56
CA LYS F 10 9.33 11.99 -6.91
C LYS F 10 8.29 11.30 -7.79
N ILE F 11 7.43 12.09 -8.43
CA ILE F 11 6.45 11.52 -9.36
C ILE F 11 7.16 10.83 -10.54
N GLU F 12 8.21 11.47 -11.08
CA GLU F 12 8.98 10.82 -12.14
C GLU F 12 9.53 9.46 -11.71
N LYS F 13 10.10 9.40 -10.50
CA LYS F 13 10.70 8.16 -10.01
C LYS F 13 9.68 7.04 -9.79
N ILE F 14 8.48 7.38 -9.29
CA ILE F 14 7.41 6.39 -9.11
C ILE F 14 6.96 5.86 -10.47
N LEU F 15 6.75 6.76 -11.43
CA LEU F 15 6.38 6.35 -12.77
C LEU F 15 7.42 5.42 -13.41
N GLN F 16 8.69 5.71 -13.18
CA GLN F 16 9.76 4.81 -13.63
C GLN F 16 9.61 3.42 -13.00
N LYS F 17 9.33 3.36 -11.71
CA LYS F 17 9.16 2.08 -11.05
C LYS F 17 7.95 1.37 -11.62
N ILE F 18 6.89 2.14 -11.88
CA ILE F 18 5.66 1.59 -12.44
C ILE F 18 5.94 1.01 -13.84
N GLU F 19 6.62 1.77 -14.70
CA GLU F 19 6.98 1.28 -16.04
C GLU F 19 7.76 -0.04 -15.94
N TRP F 20 8.70 -0.09 -15.00
CA TRP F 20 9.61 -1.23 -14.86
C TRP F 20 8.85 -2.46 -14.43
N ILE F 21 7.95 -2.32 -13.47
CA ILE F 21 7.10 -3.42 -13.02
C ILE F 21 6.22 -3.94 -14.17
N LEU F 22 5.68 -3.01 -14.96
CA LEU F 22 4.78 -3.38 -16.05
C LEU F 22 5.50 -4.20 -17.11
N GLN F 23 6.73 -3.80 -17.41
CA GLN F 23 7.56 -4.51 -18.38
C GLN F 23 7.70 -5.96 -17.91
N LYS F 24 7.98 -6.13 -16.62
CA LYS F 24 8.09 -7.48 -16.06
C LYS F 24 6.77 -8.24 -16.16
N ILE F 25 5.66 -7.57 -15.88
CA ILE F 25 4.36 -8.21 -16.03
C ILE F 25 4.13 -8.61 -17.49
N GLU F 26 4.40 -7.69 -18.42
CA GLU F 26 4.26 -7.98 -19.84
C GLU F 26 5.06 -9.21 -20.24
N GLN F 27 6.29 -9.31 -19.75
CA GLN F 27 7.14 -10.45 -20.08
C GLN F 27 6.60 -11.74 -19.47
N ILE F 28 6.25 -11.71 -18.18
CA ILE F 28 5.64 -12.87 -17.51
C ILE F 28 4.43 -13.36 -18.28
N LEU F 29 3.63 -12.44 -18.80
CA LEU F 29 2.46 -12.78 -19.61
C LEU F 29 2.83 -13.46 -20.93
N GLN F 30 4.10 -13.33 -21.34
CA GLN F 30 4.56 -13.98 -22.56
C GLN F 30 5.33 -15.26 -22.27
N GLY F 31 5.56 -15.54 -20.98
CA GLY F 31 6.29 -16.72 -20.57
C GLY F 31 7.79 -16.48 -20.43
N GLY G 2 0.80 27.24 -4.11
CA GLY G 2 0.58 26.34 -3.00
C GLY G 2 -0.45 25.29 -3.35
N LYS G 3 -1.49 25.70 -4.05
CA LYS G 3 -2.51 24.76 -4.46
C LYS G 3 -1.96 23.77 -5.49
N ILE G 4 -1.01 24.23 -6.31
CA ILE G 4 -0.36 23.33 -7.25
C ILE G 4 0.42 22.21 -6.51
N GLU G 5 1.20 22.60 -5.49
CA GLU G 5 1.90 21.63 -4.65
C GLU G 5 0.93 20.64 -4.01
N GLN G 6 -0.22 21.11 -3.55
CA GLN G 6 -1.17 20.23 -2.88
C GLN G 6 -1.71 19.19 -3.85
N ILE G 7 -2.10 19.63 -5.05
CA ILE G 7 -2.63 18.71 -6.05
C ILE G 7 -1.55 17.71 -6.45
N LEU G 8 -0.31 18.17 -6.64
CA LEU G 8 0.77 17.26 -7.01
C LEU G 8 1.04 16.26 -5.91
N GLN G 9 0.83 16.64 -4.65
CA GLN G 9 1.05 15.67 -3.57
C GLN G 9 -0.04 14.62 -3.57
N LYS G 10 -1.26 15.04 -3.88
CA LYS G 10 -2.34 14.08 -4.02
C LYS G 10 -2.06 13.10 -5.16
N ILE G 11 -1.57 13.63 -6.30
CA ILE G 11 -1.17 12.79 -7.43
C ILE G 11 -0.06 11.83 -7.04
N GLU G 12 0.93 12.32 -6.30
CA GLU G 12 2.03 11.46 -5.89
C GLU G 12 1.51 10.30 -5.03
N LYS G 13 0.55 10.57 -4.15
CA LYS G 13 0.03 9.53 -3.25
C LYS G 13 -0.70 8.44 -4.03
N ILE G 14 -1.51 8.84 -5.01
CA ILE G 14 -2.21 7.89 -5.85
C ILE G 14 -1.24 7.01 -6.64
N LEU G 15 -0.17 7.61 -7.17
CA LEU G 15 0.82 6.83 -7.91
C LEU G 15 1.52 5.80 -7.02
N GLN G 16 1.76 6.14 -5.76
CA GLN G 16 2.35 5.19 -4.81
C GLN G 16 1.43 3.98 -4.63
N LYS G 17 0.16 4.25 -4.45
CA LYS G 17 -0.83 3.19 -4.32
C LYS G 17 -0.89 2.35 -5.59
N ILE G 18 -0.88 3.00 -6.75
CA ILE G 18 -0.87 2.31 -8.03
C ILE G 18 0.36 1.42 -8.14
N GLU G 19 1.53 1.94 -7.74
CA GLU G 19 2.73 1.12 -7.79
C GLU G 19 2.62 -0.04 -6.82
N TRP G 20 2.09 0.24 -5.64
CA TRP G 20 1.96 -0.80 -4.64
C TRP G 20 1.07 -1.96 -5.11
N ILE G 21 -0.07 -1.63 -5.71
CA ILE G 21 -0.97 -2.66 -6.25
C ILE G 21 -0.27 -3.45 -7.35
N LEU G 22 0.41 -2.76 -8.25
CA LEU G 22 1.12 -3.42 -9.34
C LEU G 22 2.14 -4.42 -8.83
N GLN G 23 2.87 -4.03 -7.79
CA GLN G 23 3.86 -4.91 -7.18
C GLN G 23 3.19 -6.22 -6.79
N LYS G 24 2.00 -6.13 -6.21
CA LYS G 24 1.29 -7.32 -5.78
C LYS G 24 0.82 -8.14 -6.96
N ILE G 25 0.39 -7.45 -8.02
CA ILE G 25 -0.08 -8.13 -9.23
C ILE G 25 1.07 -8.90 -9.88
N GLU G 26 2.27 -8.34 -9.83
CA GLU G 26 3.43 -9.04 -10.38
C GLU G 26 3.70 -10.29 -9.56
N GLN G 27 3.63 -10.15 -8.23
CA GLN G 27 3.85 -11.26 -7.31
C GLN G 27 2.89 -12.42 -7.54
N ILE G 28 1.62 -12.09 -7.78
CA ILE G 28 0.58 -13.07 -8.05
C ILE G 28 0.87 -13.83 -9.34
N LEU G 29 1.12 -13.08 -10.42
CA LEU G 29 1.42 -13.66 -11.72
C LEU G 29 2.74 -14.43 -11.71
N GLN G 30 3.72 -13.95 -10.94
CA GLN G 30 5.06 -14.53 -10.91
C GLN G 30 5.04 -15.95 -10.37
N GLY G 31 4.16 -16.20 -9.40
CA GLY G 31 4.03 -17.50 -8.79
C GLY G 31 3.24 -17.43 -7.50
N GLY H 2 -3.78 29.32 -12.89
CA GLY H 2 -5.06 28.72 -12.54
C GLY H 2 -5.44 27.61 -13.48
N LYS H 3 -5.05 27.74 -14.75
CA LYS H 3 -5.30 26.70 -15.74
C LYS H 3 -4.44 25.46 -15.45
N ILE H 4 -3.24 25.68 -14.94
CA ILE H 4 -2.37 24.58 -14.54
C ILE H 4 -3.05 23.77 -13.44
N GLU H 5 -3.62 24.45 -12.45
CA GLU H 5 -4.34 23.79 -11.36
C GLU H 5 -5.49 22.94 -11.89
N GLN H 6 -6.24 23.49 -12.84
CA GLN H 6 -7.38 22.79 -13.42
C GLN H 6 -6.95 21.55 -14.17
N ILE H 7 -5.84 21.63 -14.88
CA ILE H 7 -5.38 20.47 -15.64
C ILE H 7 -4.88 19.41 -14.66
N LEU H 8 -4.17 19.84 -13.62
CA LEU H 8 -3.71 18.92 -12.59
C LEU H 8 -4.86 18.19 -11.88
N GLN H 9 -5.95 18.90 -11.62
CA GLN H 9 -7.14 18.28 -11.02
C GLN H 9 -7.76 17.25 -11.96
N LYS H 10 -7.76 17.52 -13.27
CA LYS H 10 -8.24 16.52 -14.23
C LYS H 10 -7.34 15.28 -14.22
N ILE H 11 -6.04 15.51 -14.21
CA ILE H 11 -5.08 14.44 -14.10
C ILE H 11 -5.30 13.60 -12.83
N GLU H 12 -5.51 14.27 -11.71
CA GLU H 12 -5.77 13.57 -10.45
C GLU H 12 -6.99 12.65 -10.55
N LYS H 13 -8.06 13.13 -11.20
CA LYS H 13 -9.28 12.34 -11.31
C LYS H 13 -9.08 11.09 -12.19
N ILE H 14 -8.29 11.23 -13.25
CA ILE H 14 -8.08 10.11 -14.16
C ILE H 14 -7.30 9.04 -13.42
N LEU H 15 -6.29 9.48 -12.66
CA LEU H 15 -5.50 8.58 -11.86
C LEU H 15 -6.32 7.86 -10.80
N GLN H 16 -7.30 8.55 -10.22
CA GLN H 16 -8.20 7.88 -9.27
C GLN H 16 -8.97 6.74 -9.97
N LYS H 17 -9.43 6.99 -11.19
CA LYS H 17 -10.18 5.99 -11.93
C LYS H 17 -9.28 4.81 -12.27
N ILE H 18 -8.04 5.09 -12.64
CA ILE H 18 -7.01 4.08 -12.93
C ILE H 18 -6.72 3.22 -11.70
N GLU H 19 -6.51 3.87 -10.56
CA GLU H 19 -6.23 3.15 -9.32
C GLU H 19 -7.35 2.17 -9.01
N TRP H 20 -8.59 2.60 -9.24
CA TRP H 20 -9.77 1.78 -8.95
C TRP H 20 -9.85 0.59 -9.89
N ILE H 21 -9.69 0.81 -11.19
CA ILE H 21 -9.65 -0.32 -12.12
C ILE H 21 -8.57 -1.31 -11.72
N LEU H 22 -7.40 -0.82 -11.31
CA LEU H 22 -6.33 -1.70 -10.86
C LEU H 22 -6.72 -2.51 -9.64
N GLN H 23 -7.45 -1.88 -8.71
CA GLN H 23 -7.88 -2.57 -7.50
C GLN H 23 -8.77 -3.73 -7.90
N LYS H 24 -9.70 -3.49 -8.82
CA LYS H 24 -10.62 -4.53 -9.28
C LYS H 24 -9.88 -5.62 -10.06
N ILE H 25 -8.95 -5.22 -10.93
CA ILE H 25 -8.14 -6.19 -11.67
C ILE H 25 -7.41 -7.10 -10.71
N GLU H 26 -6.81 -6.51 -9.68
CA GLU H 26 -6.03 -7.26 -8.73
C GLU H 26 -6.90 -8.27 -7.96
N GLN H 27 -8.12 -7.87 -7.62
CA GLN H 27 -9.05 -8.77 -6.95
C GLN H 27 -9.43 -9.96 -7.82
N ILE H 28 -9.71 -9.70 -9.10
CA ILE H 28 -9.98 -10.75 -10.07
C ILE H 28 -8.83 -11.77 -10.13
N LEU H 29 -7.59 -11.29 -10.13
CA LEU H 29 -6.43 -12.19 -10.22
C LEU H 29 -6.18 -12.98 -8.94
N GLN H 30 -6.64 -12.45 -7.80
CA GLN H 30 -6.52 -13.15 -6.52
C GLN H 30 -7.45 -14.36 -6.45
N GLY H 31 -8.52 -14.34 -7.25
CA GLY H 31 -9.48 -15.43 -7.25
C GLY H 31 -10.80 -15.03 -7.89
N GLY I 2 2.97 28.59 -20.56
CA GLY I 2 2.27 28.13 -21.75
C GLY I 2 2.73 26.73 -22.13
N LYS I 3 4.04 26.54 -22.14
CA LYS I 3 4.62 25.23 -22.46
C LYS I 3 4.25 24.22 -21.38
N ILE I 4 4.21 24.68 -20.14
CA ILE I 4 3.86 23.78 -19.02
C ILE I 4 2.42 23.30 -19.18
N GLU I 5 1.52 24.21 -19.54
CA GLU I 5 0.13 23.81 -19.77
C GLU I 5 0.03 22.81 -20.92
N GLN I 6 0.80 23.05 -21.98
CA GLN I 6 0.76 22.16 -23.15
C GLN I 6 1.24 20.77 -22.78
N ILE I 7 2.34 20.69 -22.03
CA ILE I 7 2.85 19.38 -21.64
C ILE I 7 1.85 18.67 -20.72
N LEU I 8 1.26 19.42 -19.79
CA LEU I 8 0.29 18.83 -18.89
C LEU I 8 -0.93 18.31 -19.63
N GLN I 9 -1.35 19.04 -20.67
CA GLN I 9 -2.49 18.60 -21.48
C GLN I 9 -2.16 17.32 -22.23
N LYS I 10 -0.89 17.16 -22.58
CA LYS I 10 -0.44 15.95 -23.26
C LYS I 10 -0.44 14.79 -22.29
N ILE I 11 0.01 15.04 -21.06
CA ILE I 11 0.01 14.02 -20.01
C ILE I 11 -1.42 13.58 -19.71
N GLU I 12 -2.35 14.54 -19.66
CA GLU I 12 -3.76 14.21 -19.42
C GLU I 12 -4.32 13.28 -20.49
N LYS I 13 -3.99 13.56 -21.75
CA LYS I 13 -4.45 12.72 -22.86
C LYS I 13 -3.87 11.32 -22.84
N ILE I 14 -2.60 11.18 -22.46
CA ILE I 14 -2.01 9.84 -22.40
C ILE I 14 -2.66 9.05 -21.28
N LEU I 15 -2.89 9.73 -20.15
CA LEU I 15 -3.49 9.06 -19.00
C LEU I 15 -4.91 8.62 -19.34
N GLN I 16 -5.62 9.44 -20.10
CA GLN I 16 -6.96 9.06 -20.52
C GLN I 16 -6.86 7.82 -21.39
N LYS I 17 -5.86 7.77 -22.28
CA LYS I 17 -5.67 6.59 -23.12
C LYS I 17 -5.39 5.37 -22.27
N ILE I 18 -4.60 5.57 -21.21
CA ILE I 18 -4.23 4.49 -20.32
C ILE I 18 -5.45 3.98 -19.57
N GLU I 19 -6.30 4.89 -19.11
CA GLU I 19 -7.55 4.49 -18.48
C GLU I 19 -8.37 3.61 -19.43
N TRP I 20 -8.52 4.05 -20.68
CA TRP I 20 -9.35 3.35 -21.67
C TRP I 20 -8.84 1.95 -21.94
N ILE I 21 -7.52 1.80 -22.01
CA ILE I 21 -6.93 0.48 -22.23
C ILE I 21 -7.21 -0.42 -21.03
N LEU I 22 -7.15 0.17 -19.83
CA LEU I 22 -7.38 -0.59 -18.61
C LEU I 22 -8.83 -1.07 -18.53
N GLN I 23 -9.76 -0.25 -19.03
CA GLN I 23 -11.16 -0.62 -19.08
C GLN I 23 -11.33 -1.86 -19.97
N LYS I 24 -10.73 -1.84 -21.15
CA LYS I 24 -10.75 -2.99 -22.06
C LYS I 24 -10.09 -4.21 -21.44
N ILE I 25 -8.97 -4.00 -20.75
CA ILE I 25 -8.32 -5.10 -20.05
C ILE I 25 -9.24 -5.67 -18.97
N GLU I 26 -9.93 -4.78 -18.26
CA GLU I 26 -10.87 -5.20 -17.23
C GLU I 26 -11.97 -6.06 -17.83
N GLN I 27 -12.54 -5.63 -18.96
CA GLN I 27 -13.61 -6.36 -19.64
C GLN I 27 -13.18 -7.78 -19.97
N ILE I 28 -11.98 -7.91 -20.51
CA ILE I 28 -11.43 -9.20 -20.94
C ILE I 28 -11.32 -10.15 -19.76
N LEU I 29 -10.94 -9.62 -18.60
CA LEU I 29 -10.73 -10.45 -17.43
C LEU I 29 -12.04 -10.83 -16.71
N GLN I 30 -13.16 -10.23 -17.11
CA GLN I 30 -14.46 -10.65 -16.59
C GLN I 30 -14.78 -12.14 -16.87
N GLY J 2 12.31 26.16 -16.04
CA GLY J 2 12.92 25.40 -17.11
C GLY J 2 13.07 23.95 -16.70
N LYS J 3 13.51 23.74 -15.47
CA LYS J 3 13.66 22.40 -14.92
C LYS J 3 12.30 21.71 -14.78
N ILE J 4 11.28 22.47 -14.38
CA ILE J 4 9.92 21.92 -14.30
C ILE J 4 9.49 21.37 -15.66
N GLU J 5 9.64 22.16 -16.73
CA GLU J 5 9.33 21.70 -18.08
C GLU J 5 10.07 20.43 -18.47
N GLN J 6 11.36 20.36 -18.11
CA GLN J 6 12.15 19.18 -18.45
C GLN J 6 11.65 17.93 -17.72
N ILE J 7 11.35 18.07 -16.44
CA ILE J 7 10.85 16.94 -15.68
C ILE J 7 9.49 16.51 -16.24
N LEU J 8 8.63 17.48 -16.51
CA LEU J 8 7.32 17.18 -17.08
C LEU J 8 7.44 16.45 -18.42
N GLN J 9 8.38 16.89 -19.25
CA GLN J 9 8.62 16.17 -20.52
C GLN J 9 9.11 14.75 -20.32
N LYS J 10 9.92 14.52 -19.28
CA LYS J 10 10.36 13.17 -18.93
C LYS J 10 9.17 12.31 -18.51
N ILE J 11 8.30 12.88 -17.68
CA ILE J 11 7.08 12.23 -17.21
C ILE J 11 6.18 11.87 -18.40
N GLU J 12 5.99 12.80 -19.34
CA GLU J 12 5.19 12.51 -20.52
C GLU J 12 5.75 11.29 -21.28
N LYS J 13 7.07 11.22 -21.38
CA LYS J 13 7.69 10.12 -22.11
C LYS J 13 7.51 8.78 -21.37
N ILE J 14 7.63 8.79 -20.05
CA ILE J 14 7.48 7.57 -19.26
C ILE J 14 6.04 7.05 -19.41
N LEU J 15 5.09 7.95 -19.37
CA LEU J 15 3.68 7.60 -19.53
C LEU J 15 3.38 7.03 -20.93
N GLN J 16 4.00 7.59 -21.97
CA GLN J 16 3.85 7.05 -23.33
C GLN J 16 4.36 5.62 -23.38
N LYS J 17 5.48 5.36 -22.72
CA LYS J 17 6.01 4.02 -22.59
C LYS J 17 5.05 3.09 -21.86
N ILE J 18 4.47 3.57 -20.75
CA ILE J 18 3.50 2.77 -20.00
C ILE J 18 2.27 2.41 -20.86
N GLU J 19 1.80 3.37 -21.65
CA GLU J 19 0.67 3.13 -22.52
C GLU J 19 1.05 2.09 -23.57
N TRP J 20 2.28 2.19 -24.05
CA TRP J 20 2.82 1.27 -25.05
C TRP J 20 2.78 -0.15 -24.48
N ILE J 21 3.33 -0.32 -23.28
CA ILE J 21 3.38 -1.62 -22.63
C ILE J 21 1.98 -2.18 -22.38
N LEU J 22 1.06 -1.32 -21.95
CA LEU J 22 -0.31 -1.77 -21.70
C LEU J 22 -0.97 -2.31 -22.97
N GLN J 23 -0.76 -1.64 -24.10
CA GLN J 23 -1.32 -2.07 -25.37
C GLN J 23 -0.86 -3.49 -25.69
N LYS J 24 0.40 -3.77 -25.38
CA LYS J 24 0.97 -5.09 -25.57
C LYS J 24 0.29 -6.11 -24.66
N ILE J 25 0.05 -5.71 -23.41
CA ILE J 25 -0.62 -6.59 -22.45
C ILE J 25 -2.05 -6.88 -22.89
N GLU J 26 -2.74 -5.85 -23.38
CA GLU J 26 -4.11 -6.00 -23.82
C GLU J 26 -4.17 -6.99 -24.99
N GLN J 27 -3.09 -7.07 -25.76
CA GLN J 27 -3.01 -7.97 -26.91
C GLN J 27 -2.81 -9.42 -26.53
N ILE J 28 -1.87 -9.66 -25.61
CA ILE J 28 -1.65 -11.00 -25.07
C ILE J 28 -2.96 -11.58 -24.52
N LEU J 29 -3.68 -10.79 -23.74
CA LEU J 29 -4.92 -11.25 -23.09
C LEU J 29 -6.05 -11.46 -24.09
N GLN J 30 -6.07 -10.65 -25.14
CA GLN J 30 -7.07 -10.74 -26.20
C GLN J 30 -6.74 -11.93 -27.13
N GLY J 31 -5.70 -12.68 -26.77
CA GLY J 31 -5.26 -13.82 -27.56
C GLY J 31 -3.78 -13.73 -27.93
#